data_5HR9
#
_entry.id   5HR9
#
_cell.length_a   74.323
_cell.length_b   82.240
_cell.length_c   101.416
_cell.angle_alpha   90.00
_cell.angle_beta   90.00
_cell.angle_gamma   90.00
#
_symmetry.space_group_name_H-M   'P 21 21 21'
#
loop_
_entity.id
_entity.type
_entity.pdbx_description
1 polymer 'DNA polymerase beta-like protein'
2 polymer "DNA (5'-D(*GP*GP*AP*CP*AP*AP*CP*GP*GP*GP*AP*CP*AP*AP*C)-3')"
3 polymer "DNA (5'-D(*GP*TP*TP*GP*TP*CP*C)-3')"
4 water water
#
loop_
_entity_poly.entity_id
_entity_poly.type
_entity_poly.pdbx_seq_one_letter_code
_entity_poly.pdbx_strand_id
1 'polypeptide(L)'
;SGGG(MSE)LTLIQGKKIVNHLRSRLAFEYNGQLIKILSKNIVAVGSLRREEK(MSE)LNDVD(MSE)LIIVPEKKLLKH
VLPNIRIKGLSFSVKVCGERKCVLFIEWEKKTYQLDLFTALAEEKPYAIFHFTGPVSYLIRIRAALKKKNYKLNQYGLFK
NQTLVPLKITTEKELIKE(MSE)GFTYRIPKKRL
;
A,B
2 'polydeoxyribonucleotide' (DG)(DG)(DA)(DC)(DA)(DA)(DC)(DG)(DG)(DG)(DA)(DC)(DA)(DA)(DC) C,F
3 'polydeoxyribonucleotide' (DG)(DT)(DT)(DG)(DT)(DC)(DC) D,E,G,H
#
# COMPACT_ATOMS: atom_id res chain seq x y z
N GLY A 3 2.57 -14.79 -5.93
CA GLY A 3 3.56 -14.32 -4.93
C GLY A 3 2.93 -13.57 -3.77
N GLY A 4 3.59 -13.61 -2.62
CA GLY A 4 3.07 -12.97 -1.40
C GLY A 4 3.25 -11.47 -1.37
N LEU A 6 4.66 -7.97 0.26
CA LEU A 6 5.95 -7.57 0.81
C LEU A 6 5.85 -6.21 1.49
N THR A 7 6.39 -6.07 2.70
CA THR A 7 6.53 -4.74 3.27
C THR A 7 7.54 -3.95 2.43
N LEU A 8 7.40 -2.63 2.42
CA LEU A 8 8.31 -1.75 1.68
C LEU A 8 9.78 -2.10 1.93
N ILE A 9 10.13 -2.35 3.19
CA ILE A 9 11.52 -2.59 3.58
C ILE A 9 12.00 -3.97 3.13
N GLN A 10 11.14 -4.99 3.26
CA GLN A 10 11.39 -6.31 2.67
C GLN A 10 11.76 -6.15 1.20
N GLY A 11 10.99 -5.32 0.48
CA GLY A 11 11.25 -5.07 -0.92
C GLY A 11 12.58 -4.39 -1.13
N LYS A 12 12.90 -3.41 -0.29
CA LYS A 12 14.19 -2.75 -0.39
C LYS A 12 15.36 -3.70 -0.08
N LYS A 13 15.14 -4.74 0.70
CA LYS A 13 16.20 -5.71 0.97
C LYS A 13 16.49 -6.60 -0.25
N ILE A 14 15.44 -7.02 -0.93
CA ILE A 14 15.58 -7.88 -2.10
C ILE A 14 16.31 -7.08 -3.19
N VAL A 15 15.82 -5.88 -3.46
CA VAL A 15 16.47 -5.05 -4.46
C VAL A 15 17.93 -4.82 -4.10
N ASN A 16 18.20 -4.52 -2.85
CA ASN A 16 19.58 -4.28 -2.43
C ASN A 16 20.41 -5.54 -2.65
N HIS A 17 19.87 -6.68 -2.24
CA HIS A 17 20.54 -7.96 -2.41
C HIS A 17 20.82 -8.30 -3.88
N LEU A 18 19.83 -8.06 -4.74
CA LEU A 18 19.90 -8.40 -6.16
C LEU A 18 20.71 -7.44 -7.00
N ARG A 19 20.95 -6.25 -6.47
CA ARG A 19 21.57 -5.17 -7.25
C ARG A 19 22.96 -5.55 -7.78
N SER A 20 23.63 -6.44 -7.07
CA SER A 20 24.98 -6.89 -7.43
C SER A 20 24.96 -8.32 -7.97
N ARG A 21 23.79 -8.87 -8.21
CA ARG A 21 23.67 -10.30 -8.42
C ARG A 21 23.00 -10.71 -9.73
N LEU A 22 22.60 -9.74 -10.55
CA LEU A 22 22.05 -10.05 -11.87
C LEU A 22 23.13 -10.06 -12.92
N ALA A 23 23.05 -11.04 -13.80
CA ALA A 23 24.00 -11.16 -14.89
C ALA A 23 23.22 -11.66 -16.10
N PHE A 24 23.86 -11.70 -17.26
CA PHE A 24 23.24 -12.36 -18.39
C PHE A 24 24.27 -13.13 -19.18
N GLU A 25 23.86 -14.29 -19.69
CA GLU A 25 24.72 -15.11 -20.52
C GLU A 25 24.71 -14.57 -21.95
N TYR A 26 25.90 -14.25 -22.46
CA TYR A 26 26.07 -13.64 -23.77
C TYR A 26 27.08 -14.45 -24.60
N ASN A 27 26.55 -15.28 -25.50
CA ASN A 27 27.37 -16.17 -26.32
C ASN A 27 28.37 -16.93 -25.45
N GLY A 28 27.84 -17.64 -24.47
CA GLY A 28 28.65 -18.47 -23.57
C GLY A 28 29.17 -17.74 -22.34
N GLN A 29 29.67 -16.52 -22.53
CA GLN A 29 30.22 -15.72 -21.45
C GLN A 29 29.12 -15.18 -20.53
N LEU A 30 29.47 -14.81 -19.31
CA LEU A 30 28.49 -14.41 -18.29
C LEU A 30 28.68 -12.96 -17.84
N ILE A 31 27.90 -12.06 -18.40
CA ILE A 31 28.11 -10.61 -18.22
C ILE A 31 27.35 -10.13 -17.01
N LYS A 32 28.04 -9.45 -16.11
CA LYS A 32 27.44 -8.98 -14.89
C LYS A 32 26.81 -7.63 -15.14
N ILE A 33 25.64 -7.42 -14.55
CA ILE A 33 24.93 -6.18 -14.77
C ILE A 33 25.26 -5.18 -13.69
N LEU A 34 25.76 -4.02 -14.11
CA LEU A 34 26.18 -2.97 -13.20
C LEU A 34 25.00 -2.43 -12.40
N SER A 35 25.22 -2.24 -11.10
CA SER A 35 24.26 -1.65 -10.19
C SER A 35 23.89 -0.20 -10.57
N LYS A 36 24.85 0.53 -11.12
CA LYS A 36 24.52 1.85 -11.64
C LYS A 36 23.51 1.80 -12.81
N ASN A 37 23.28 0.63 -13.39
CA ASN A 37 22.37 0.48 -14.53
C ASN A 37 21.06 -0.18 -14.16
N ILE A 38 20.80 -0.28 -12.85
CA ILE A 38 19.56 -0.82 -12.32
C ILE A 38 18.81 0.29 -11.59
N VAL A 39 17.57 0.55 -12.00
CA VAL A 39 16.71 1.48 -11.27
C VAL A 39 15.51 0.74 -10.71
N ALA A 40 15.35 0.81 -9.39
CA ALA A 40 14.12 0.34 -8.76
C ALA A 40 12.96 1.22 -9.21
N VAL A 41 11.84 0.59 -9.55
CA VAL A 41 10.66 1.28 -10.06
C VAL A 41 9.40 0.68 -9.42
N GLY A 42 8.21 1.05 -9.94
CA GLY A 42 6.93 0.51 -9.43
C GLY A 42 6.61 1.00 -8.04
N SER A 43 5.73 0.26 -7.36
CA SER A 43 5.29 0.68 -6.03
C SER A 43 6.47 0.87 -5.07
N LEU A 44 7.51 0.05 -5.22
CA LEU A 44 8.72 0.25 -4.42
C LEU A 44 9.24 1.70 -4.50
N ARG A 45 9.42 2.18 -5.72
CA ARG A 45 9.90 3.54 -5.95
C ARG A 45 8.91 4.58 -5.45
N ARG A 46 7.61 4.28 -5.57
CA ARG A 46 6.55 5.09 -4.95
C ARG A 46 6.43 4.95 -3.39
N GLU A 47 7.26 4.11 -2.79
CA GLU A 47 7.29 3.97 -1.30
C GLU A 47 5.97 3.56 -0.68
N GLU A 48 5.26 2.67 -1.36
CA GLU A 48 4.01 2.20 -0.83
C GLU A 48 4.24 1.21 0.32
N LYS A 49 3.32 1.24 1.30
CA LYS A 49 3.48 0.48 2.55
C LYS A 49 3.70 -0.99 2.23
N LEU A 51 3.84 -4.10 -0.93
CA LEU A 51 4.16 -4.36 -2.33
C LEU A 51 3.62 -5.71 -2.77
N ASN A 52 3.16 -5.77 -4.02
CA ASN A 52 2.79 -7.03 -4.68
C ASN A 52 3.93 -7.60 -5.52
N ASP A 53 4.80 -6.71 -6.00
CA ASP A 53 5.93 -7.06 -6.86
C ASP A 53 7.15 -6.30 -6.41
N VAL A 54 8.32 -6.86 -6.66
CA VAL A 54 9.54 -6.08 -6.70
C VAL A 54 9.79 -5.76 -8.19
N ASP A 55 9.98 -4.50 -8.54
CA ASP A 55 10.21 -4.10 -9.93
C ASP A 55 11.62 -3.56 -10.17
N LEU A 57 14.07 -2.05 -13.28
CA LEU A 57 14.36 -1.62 -14.65
C LEU A 57 15.85 -1.69 -14.91
N ILE A 58 16.25 -2.42 -15.94
CA ILE A 58 17.63 -2.55 -16.35
C ILE A 58 17.93 -1.68 -17.58
N ILE A 59 18.92 -0.80 -17.47
CA ILE A 59 19.36 -0.01 -18.63
C ILE A 59 20.36 -0.83 -19.42
N VAL A 60 20.04 -1.18 -20.65
CA VAL A 60 21.00 -1.96 -21.42
C VAL A 60 21.74 -1.00 -22.34
N PRO A 61 23.06 -1.18 -22.48
CA PRO A 61 23.88 -0.15 -23.13
C PRO A 61 23.68 -0.05 -24.64
N GLU A 62 23.50 -1.19 -25.31
CA GLU A 62 23.43 -1.23 -26.78
C GLU A 62 22.30 -2.13 -27.25
N LYS A 63 21.64 -1.73 -28.33
CA LYS A 63 20.44 -2.41 -28.85
C LYS A 63 20.63 -3.91 -29.10
N LYS A 64 21.77 -4.25 -29.70
CA LYS A 64 22.12 -5.62 -30.06
C LYS A 64 22.05 -6.60 -28.87
N LEU A 65 22.12 -6.08 -27.64
CA LEU A 65 22.02 -6.90 -26.42
C LEU A 65 20.60 -7.28 -25.97
N LEU A 66 19.57 -6.58 -26.44
CA LEU A 66 18.20 -6.94 -26.02
C LEU A 66 17.86 -8.41 -26.27
N LYS A 67 18.40 -9.01 -27.33
CA LYS A 67 18.26 -10.45 -27.55
C LYS A 67 18.77 -11.24 -26.36
N HIS A 68 19.82 -10.74 -25.71
CA HIS A 68 20.55 -11.57 -24.75
C HIS A 68 20.30 -11.29 -23.28
N VAL A 69 19.94 -10.06 -22.90
CA VAL A 69 19.91 -9.74 -21.46
C VAL A 69 18.80 -10.49 -20.75
N LEU A 70 17.53 -10.17 -20.96
CA LEU A 70 16.48 -10.85 -20.16
C LEU A 70 16.28 -12.35 -20.55
N PRO A 71 16.38 -12.69 -21.84
CA PRO A 71 16.20 -14.10 -22.20
C PRO A 71 17.22 -15.05 -21.61
N ASN A 72 18.32 -14.50 -21.09
CA ASN A 72 19.38 -15.31 -20.50
C ASN A 72 19.68 -14.80 -19.11
N ILE A 73 18.73 -14.10 -18.51
CA ILE A 73 18.99 -13.50 -17.23
C ILE A 73 19.40 -14.59 -16.25
N ARG A 74 20.28 -14.23 -15.29
CA ARG A 74 20.76 -15.16 -14.26
C ARG A 74 20.89 -14.48 -12.91
N ILE A 75 20.60 -15.21 -11.84
CA ILE A 75 20.66 -14.65 -10.51
C ILE A 75 21.60 -15.46 -9.58
N LYS A 76 22.71 -14.83 -9.23
CA LYS A 76 23.66 -15.42 -8.28
C LYS A 76 22.95 -15.88 -7.01
N GLY A 77 23.09 -17.16 -6.67
CA GLY A 77 22.64 -17.68 -5.40
C GLY A 77 21.18 -18.11 -5.32
N LEU A 78 20.27 -17.34 -5.90
CA LEU A 78 18.85 -17.52 -5.60
C LEU A 78 18.17 -18.50 -6.53
N SER A 79 17.38 -19.38 -5.94
CA SER A 79 16.49 -20.27 -6.70
C SER A 79 15.27 -19.51 -7.21
N PHE A 80 14.86 -19.80 -8.44
CA PHE A 80 13.68 -19.17 -9.00
C PHE A 80 13.22 -19.86 -10.28
N SER A 81 12.02 -19.53 -10.68
CA SER A 81 11.44 -20.08 -11.90
C SER A 81 11.02 -18.92 -12.73
N VAL A 82 11.02 -19.12 -14.03
CA VAL A 82 10.62 -18.09 -14.95
C VAL A 82 9.14 -18.26 -15.23
N LYS A 83 8.39 -17.17 -15.25
CA LYS A 83 6.95 -17.25 -15.57
C LYS A 83 6.71 -16.84 -17.01
N VAL A 84 6.94 -15.57 -17.31
CA VAL A 84 6.95 -15.14 -18.68
C VAL A 84 8.19 -14.31 -18.84
N CYS A 85 8.74 -14.32 -20.05
CA CYS A 85 9.96 -13.60 -20.29
C CYS A 85 10.12 -13.30 -21.75
N GLY A 86 10.72 -12.15 -22.02
CA GLY A 86 10.97 -11.72 -23.39
C GLY A 86 12.12 -10.74 -23.36
N GLU A 87 12.28 -10.02 -24.44
CA GLU A 87 13.34 -9.05 -24.55
C GLU A 87 13.11 -7.83 -23.68
N ARG A 88 11.86 -7.50 -23.40
CA ARG A 88 11.60 -6.29 -22.63
C ARG A 88 10.87 -6.42 -21.30
N LYS A 89 10.27 -7.58 -21.04
CA LYS A 89 9.64 -7.84 -19.74
C LYS A 89 9.85 -9.30 -19.36
N CYS A 90 10.44 -9.51 -18.19
CA CYS A 90 10.63 -10.84 -17.64
C CYS A 90 9.94 -10.93 -16.29
N VAL A 91 9.27 -12.03 -16.04
CA VAL A 91 8.60 -12.21 -14.73
C VAL A 91 9.11 -13.50 -14.10
N LEU A 92 9.58 -13.36 -12.87
CA LEU A 92 10.34 -14.41 -12.18
C LEU A 92 9.69 -14.64 -10.82
N PHE A 93 9.65 -15.87 -10.32
CA PHE A 93 9.20 -16.11 -8.96
C PHE A 93 10.41 -16.53 -8.14
N ILE A 94 10.98 -15.59 -7.41
CA ILE A 94 12.18 -15.87 -6.63
C ILE A 94 11.83 -16.44 -5.27
N GLU A 95 12.48 -17.52 -4.89
CA GLU A 95 12.42 -18.02 -3.52
C GLU A 95 13.32 -17.11 -2.65
N TRP A 96 12.78 -16.67 -1.53
CA TRP A 96 13.50 -15.79 -0.61
C TRP A 96 13.05 -16.08 0.82
N GLU A 97 13.89 -16.77 1.57
CA GLU A 97 13.61 -17.07 2.97
C GLU A 97 12.29 -17.80 3.13
N LYS A 98 12.26 -19.02 2.60
CA LYS A 98 11.14 -19.94 2.76
C LYS A 98 9.79 -19.32 2.37
N LYS A 99 9.81 -18.54 1.31
CA LYS A 99 8.62 -17.88 0.76
C LYS A 99 8.99 -17.32 -0.60
N THR A 100 8.02 -17.28 -1.51
CA THR A 100 8.31 -16.91 -2.90
C THR A 100 7.64 -15.58 -3.27
N TYR A 101 8.43 -14.67 -3.87
CA TYR A 101 7.92 -13.39 -4.33
C TYR A 101 8.11 -13.20 -5.83
N GLN A 102 7.39 -12.23 -6.37
CA GLN A 102 7.35 -11.99 -7.81
C GLN A 102 8.28 -10.85 -8.16
N LEU A 103 9.08 -11.07 -9.18
CA LEU A 103 10.08 -10.11 -9.59
C LEU A 103 9.85 -9.72 -11.05
N ASP A 104 9.72 -8.42 -11.32
CA ASP A 104 9.52 -7.93 -12.67
C ASP A 104 10.76 -7.18 -13.10
N LEU A 105 11.46 -7.72 -14.09
CA LEU A 105 12.58 -7.06 -14.70
C LEU A 105 12.10 -6.47 -16.01
N PHE A 106 12.46 -5.21 -16.26
CA PHE A 106 12.11 -4.53 -17.50
C PHE A 106 13.42 -4.04 -18.15
N THR A 107 13.43 -3.86 -19.46
CA THR A 107 14.60 -3.27 -20.14
C THR A 107 14.33 -1.97 -20.86
N ALA A 108 15.24 -1.02 -20.67
CA ALA A 108 15.27 0.19 -21.47
C ALA A 108 16.67 0.43 -22.01
N LEU A 109 16.74 0.98 -23.20
CA LEU A 109 18.00 1.41 -23.78
C LEU A 109 18.34 2.76 -23.17
N ALA A 110 19.57 3.20 -23.34
CA ALA A 110 20.06 4.42 -22.71
C ALA A 110 19.30 5.67 -23.11
N GLU A 111 19.05 5.82 -24.40
CA GLU A 111 18.31 6.96 -24.90
C GLU A 111 16.82 6.94 -24.51
N GLU A 112 16.31 5.81 -24.03
CA GLU A 112 14.92 5.72 -23.48
C GLU A 112 14.85 5.89 -21.94
N LYS A 113 16.00 6.06 -21.29
CA LYS A 113 16.06 5.88 -19.85
C LYS A 113 15.03 6.72 -19.09
N PRO A 114 14.98 8.04 -19.35
CA PRO A 114 14.05 8.88 -18.59
C PRO A 114 12.60 8.51 -18.85
N TYR A 115 12.29 8.18 -20.11
CA TYR A 115 10.92 7.87 -20.47
C TYR A 115 10.50 6.58 -19.79
N ALA A 116 11.46 5.68 -19.59
CA ALA A 116 11.16 4.38 -19.05
C ALA A 116 10.96 4.49 -17.54
N ILE A 117 11.86 5.20 -16.85
CA ILE A 117 11.70 5.51 -15.43
C ILE A 117 10.41 6.25 -15.21
N PHE A 118 10.03 7.11 -16.15
CA PHE A 118 8.77 7.79 -15.99
C PHE A 118 7.64 6.80 -16.07
N HIS A 119 7.61 6.05 -17.17
CA HIS A 119 6.63 4.97 -17.38
C HIS A 119 6.51 4.04 -16.18
N PHE A 120 7.61 3.41 -15.78
CA PHE A 120 7.56 2.31 -14.82
C PHE A 120 7.40 2.75 -13.39
N THR A 121 7.67 4.02 -13.10
CA THR A 121 7.50 4.53 -11.76
C THR A 121 6.00 4.59 -11.45
N GLY A 122 5.17 4.89 -12.46
CA GLY A 122 3.73 4.96 -12.27
C GLY A 122 3.31 6.09 -11.36
N PRO A 123 2.18 5.93 -10.65
CA PRO A 123 1.19 4.88 -10.71
C PRO A 123 0.36 4.94 -12.01
N VAL A 124 -0.45 3.94 -12.25
CA VAL A 124 -1.22 3.87 -13.52
C VAL A 124 -2.18 5.06 -13.71
N SER A 125 -2.84 5.48 -12.64
CA SER A 125 -3.75 6.64 -12.67
C SER A 125 -3.03 7.91 -13.10
N TYR A 126 -1.89 8.16 -12.48
CA TYR A 126 -1.09 9.32 -12.79
C TYR A 126 -0.70 9.34 -14.26
N LEU A 127 -0.40 8.16 -14.77
CA LEU A 127 0.19 7.98 -16.08
C LEU A 127 -0.88 8.19 -17.16
N ILE A 128 -2.09 7.68 -16.90
CA ILE A 128 -3.21 7.83 -17.83
C ILE A 128 -3.58 9.29 -18.04
N ARG A 129 -3.79 10.03 -16.95
CA ARG A 129 -4.18 11.43 -17.02
C ARG A 129 -3.15 12.32 -17.74
N ILE A 130 -1.87 11.99 -17.61
CA ILE A 130 -0.82 12.71 -18.33
C ILE A 130 -0.87 12.43 -19.82
N ARG A 131 -0.89 11.15 -20.15
CA ARG A 131 -0.99 10.73 -21.53
C ARG A 131 -2.28 11.20 -22.18
N ALA A 132 -3.37 11.25 -21.43
CA ALA A 132 -4.62 11.74 -22.01
C ALA A 132 -4.42 13.20 -22.49
N ALA A 133 -3.71 14.00 -21.71
CA ALA A 133 -3.56 15.42 -22.05
C ALA A 133 -2.64 15.69 -23.26
N LEU A 134 -1.65 14.83 -23.43
CA LEU A 134 -0.73 14.94 -24.51
C LEU A 134 -1.38 14.39 -25.75
N LYS A 135 -2.22 13.39 -25.57
CA LYS A 135 -3.00 12.83 -26.67
C LYS A 135 -3.88 13.90 -27.28
N LYS A 136 -4.61 14.62 -26.41
CA LYS A 136 -5.46 15.71 -26.88
C LYS A 136 -4.68 16.75 -27.67
N LYS A 137 -3.38 16.91 -27.37
CA LYS A 137 -2.50 17.81 -28.14
C LYS A 137 -1.80 17.08 -29.29
N ASN A 138 -2.36 15.94 -29.70
CA ASN A 138 -1.86 15.13 -30.81
C ASN A 138 -0.47 14.51 -30.64
N TYR A 139 0.00 14.37 -29.39
CA TYR A 139 1.21 13.61 -29.08
C TYR A 139 0.88 12.18 -28.65
N LYS A 140 1.89 11.33 -28.58
CA LYS A 140 1.80 10.04 -27.92
C LYS A 140 3.04 9.84 -27.04
N LEU A 141 2.81 9.44 -25.79
CA LEU A 141 3.90 9.17 -24.84
C LEU A 141 3.86 7.70 -24.42
N ASN A 142 5.00 7.04 -24.50
CA ASN A 142 5.20 5.71 -23.97
C ASN A 142 6.55 5.62 -23.25
N GLN A 143 7.02 4.41 -22.99
CA GLN A 143 8.26 4.15 -22.23
C GLN A 143 9.53 4.34 -23.03
N TYR A 144 9.38 4.63 -24.31
CA TYR A 144 10.49 4.80 -25.24
C TYR A 144 10.70 6.23 -25.71
N GLY A 145 9.67 7.07 -25.61
CA GLY A 145 9.76 8.42 -26.18
C GLY A 145 8.46 9.19 -26.20
N LEU A 146 8.54 10.36 -26.78
CA LEU A 146 7.40 11.19 -27.09
C LEU A 146 7.37 11.31 -28.61
N PHE A 147 6.21 11.04 -29.20
CA PHE A 147 6.05 11.07 -30.65
C PHE A 147 4.98 12.05 -31.07
N LYS A 148 5.20 12.68 -32.21
CA LYS A 148 4.17 13.39 -32.91
C LYS A 148 4.32 12.99 -34.36
N ASN A 149 3.19 12.91 -35.07
CA ASN A 149 3.16 12.43 -36.45
C ASN A 149 3.96 11.15 -36.63
N GLN A 150 3.71 10.19 -35.74
CA GLN A 150 4.44 8.92 -35.76
C GLN A 150 5.94 9.16 -35.82
N THR A 151 6.42 10.21 -35.15
CA THR A 151 7.83 10.59 -35.18
C THR A 151 8.30 10.99 -33.80
N LEU A 152 9.47 10.49 -33.43
CA LEU A 152 10.05 10.85 -32.18
C LEU A 152 10.14 12.38 -32.14
N VAL A 153 9.95 12.93 -30.96
CA VAL A 153 10.18 14.33 -30.70
C VAL A 153 11.47 14.42 -29.89
N PRO A 154 12.54 14.97 -30.49
CA PRO A 154 13.86 14.88 -29.85
C PRO A 154 14.04 15.90 -28.73
N LEU A 155 13.43 15.63 -27.57
CA LEU A 155 13.61 16.51 -26.43
C LEU A 155 15.06 16.46 -25.97
N LYS A 156 15.62 17.64 -25.66
CA LYS A 156 17.01 17.75 -25.23
C LYS A 156 17.00 17.67 -23.71
N ILE A 157 16.76 16.46 -23.23
CA ILE A 157 16.62 16.21 -21.80
C ILE A 157 17.46 15.00 -21.41
N THR A 158 17.65 14.78 -20.13
CA THR A 158 18.43 13.63 -19.70
C THR A 158 17.82 12.88 -18.55
N THR A 159 17.20 13.62 -17.63
CA THR A 159 16.59 13.05 -16.47
C THR A 159 15.09 13.07 -16.61
N GLU A 160 14.49 12.31 -15.72
CA GLU A 160 13.07 12.23 -15.58
C GLU A 160 12.49 13.60 -15.19
N LYS A 161 13.15 14.25 -14.23
CA LYS A 161 12.72 15.56 -13.74
C LYS A 161 12.68 16.54 -14.90
N GLU A 162 13.72 16.57 -15.71
CA GLU A 162 13.74 17.46 -16.87
C GLU A 162 12.61 17.10 -17.86
N LEU A 163 12.43 15.80 -18.11
CA LEU A 163 11.43 15.33 -19.10
C LEU A 163 10.02 15.73 -18.73
N ILE A 164 9.70 15.55 -17.46
CA ILE A 164 8.39 15.83 -16.91
C ILE A 164 8.06 17.30 -17.13
N LYS A 165 8.99 18.16 -16.77
CA LYS A 165 8.82 19.61 -16.94
C LYS A 165 8.84 20.06 -18.40
N GLU A 166 9.60 19.37 -19.25
CA GLU A 166 9.72 19.76 -20.64
C GLU A 166 8.41 19.50 -21.40
N GLY A 168 5.48 19.93 -20.01
CA GLY A 168 4.51 20.87 -19.45
C GLY A 168 3.85 20.44 -18.15
N PHE A 169 4.62 19.75 -17.29
CA PHE A 169 4.13 19.26 -16.01
C PHE A 169 5.10 19.58 -14.89
N THR A 170 4.60 19.84 -13.68
CA THR A 170 5.50 20.06 -12.55
C THR A 170 6.01 18.73 -12.04
N TYR A 171 7.22 18.76 -11.51
CA TYR A 171 7.84 17.57 -10.96
C TYR A 171 7.28 17.27 -9.59
N ARG A 172 6.96 16.01 -9.36
CA ARG A 172 6.54 15.52 -8.06
C ARG A 172 7.45 14.36 -7.66
N ILE A 173 7.88 14.27 -6.41
CA ILE A 173 8.65 13.09 -6.01
C ILE A 173 7.76 11.88 -6.27
N PRO A 174 8.37 10.73 -6.56
CA PRO A 174 7.64 9.51 -6.89
C PRO A 174 6.40 9.21 -6.04
N LYS A 175 6.51 9.35 -4.71
CA LYS A 175 5.44 9.00 -3.77
C LYS A 175 4.26 9.96 -3.74
N LYS A 176 4.40 11.15 -4.31
CA LYS A 176 3.29 12.09 -4.41
C LYS A 176 2.69 12.11 -5.81
N ARG A 177 2.91 11.05 -6.59
CA ARG A 177 2.32 11.02 -7.93
C ARG A 177 1.01 10.30 -7.75
N LEU A 178 -0.02 10.82 -8.41
CA LEU A 178 -1.38 10.33 -8.25
C LEU A 178 -2.21 10.66 -9.48
N GLY B 4 -0.48 5.01 -1.59
CA GLY B 4 -1.76 4.38 -1.19
C GLY B 4 -2.02 3.14 -2.01
N LEU B 6 -5.45 1.51 -2.34
CA LEU B 6 -6.71 1.61 -3.09
C LEU B 6 -7.39 2.97 -2.86
N THR B 7 -8.33 3.31 -3.74
CA THR B 7 -9.04 4.58 -3.65
C THR B 7 -10.06 4.56 -2.52
N LEU B 8 -10.44 5.76 -2.07
CA LEU B 8 -11.55 5.93 -1.14
C LEU B 8 -12.76 5.10 -1.58
N ILE B 9 -13.09 5.17 -2.86
CA ILE B 9 -14.33 4.55 -3.35
C ILE B 9 -14.23 3.03 -3.33
N GLN B 10 -13.05 2.47 -3.61
CA GLN B 10 -12.89 1.02 -3.57
C GLN B 10 -13.00 0.55 -2.14
N GLY B 11 -12.30 1.25 -1.24
CA GLY B 11 -12.32 0.93 0.20
C GLY B 11 -13.72 0.94 0.77
N LYS B 12 -14.58 1.79 0.21
CA LYS B 12 -15.96 1.88 0.65
C LYS B 12 -16.77 0.70 0.15
N LYS B 13 -16.47 0.21 -1.05
CA LYS B 13 -17.16 -0.96 -1.59
C LYS B 13 -16.83 -2.23 -0.82
N ILE B 14 -15.62 -2.30 -0.31
CA ILE B 14 -15.21 -3.43 0.52
C ILE B 14 -15.98 -3.37 1.83
N VAL B 15 -15.85 -2.25 2.54
CA VAL B 15 -16.56 -2.06 3.81
C VAL B 15 -18.05 -2.33 3.64
N ASN B 16 -18.66 -1.82 2.59
CA ASN B 16 -20.09 -2.05 2.38
C ASN B 16 -20.41 -3.55 2.18
N HIS B 17 -19.54 -4.28 1.49
CA HIS B 17 -19.74 -5.71 1.27
C HIS B 17 -19.52 -6.54 2.54
N LEU B 18 -18.46 -6.21 3.27
CA LEU B 18 -18.08 -6.93 4.47
C LEU B 18 -18.99 -6.69 5.68
N ARG B 19 -19.67 -5.55 5.70
CA ARG B 19 -20.46 -5.08 6.83
C ARG B 19 -21.54 -6.09 7.23
N SER B 20 -22.20 -6.69 6.25
CA SER B 20 -23.17 -7.75 6.47
C SER B 20 -22.55 -9.14 6.60
N ARG B 21 -21.23 -9.26 6.46
CA ARG B 21 -20.61 -10.58 6.28
C ARG B 21 -19.64 -11.07 7.37
N LEU B 22 -19.51 -10.34 8.47
CA LEU B 22 -18.65 -10.81 9.57
C LEU B 22 -19.43 -11.72 10.51
N ALA B 23 -18.72 -12.66 11.13
CA ALA B 23 -19.26 -13.49 12.21
C ALA B 23 -18.13 -14.02 13.06
N PHE B 24 -18.47 -14.63 14.19
CA PHE B 24 -17.45 -15.32 14.97
C PHE B 24 -17.93 -16.63 15.55
N GLU B 25 -16.99 -17.55 15.75
CA GLU B 25 -17.33 -18.86 16.31
C GLU B 25 -17.32 -18.75 17.83
N TYR B 26 -18.45 -19.05 18.45
CA TYR B 26 -18.58 -19.06 19.90
C TYR B 26 -18.94 -20.47 20.35
N ASN B 27 -17.97 -21.15 20.96
CA ASN B 27 -18.13 -22.54 21.39
C ASN B 27 -18.69 -23.44 20.28
N GLY B 28 -18.15 -23.28 19.06
CA GLY B 28 -18.59 -24.07 17.90
C GLY B 28 -19.80 -23.53 17.15
N GLN B 29 -20.69 -22.82 17.85
CA GLN B 29 -21.81 -22.14 17.22
C GLN B 29 -21.30 -20.81 16.63
N LEU B 30 -21.81 -20.43 15.45
CA LEU B 30 -21.32 -19.22 14.79
C LEU B 30 -22.33 -18.06 14.86
N ILE B 31 -21.82 -16.87 15.16
CA ILE B 31 -22.63 -15.73 15.60
C ILE B 31 -22.41 -14.53 14.70
N LYS B 32 -23.48 -14.02 14.10
CA LYS B 32 -23.35 -12.91 13.16
C LYS B 32 -22.97 -11.60 13.87
N ILE B 33 -22.08 -10.83 13.27
CA ILE B 33 -21.72 -9.53 13.81
C ILE B 33 -22.58 -8.48 13.14
N LEU B 34 -23.31 -7.71 13.96
CA LEU B 34 -24.37 -6.81 13.46
C LEU B 34 -23.80 -5.54 12.84
N SER B 35 -24.40 -5.10 11.73
CA SER B 35 -23.88 -3.93 11.01
C SER B 35 -23.87 -2.65 11.83
N LYS B 36 -24.81 -2.53 12.78
CA LYS B 36 -24.86 -1.40 13.70
C LYS B 36 -23.68 -1.42 14.69
N ASN B 37 -22.91 -2.50 14.69
CA ASN B 37 -21.72 -2.63 15.54
C ASN B 37 -20.41 -2.58 14.77
N ILE B 38 -20.48 -2.19 13.51
CA ILE B 38 -19.28 -2.01 12.71
C ILE B 38 -19.19 -0.55 12.32
N VAL B 39 -18.06 0.06 12.62
CA VAL B 39 -17.79 1.46 12.31
C VAL B 39 -16.58 1.48 11.38
N ALA B 40 -16.68 2.25 10.31
CA ALA B 40 -15.53 2.52 9.44
C ALA B 40 -14.65 3.52 10.16
N VAL B 41 -13.41 3.13 10.42
CA VAL B 41 -12.45 4.03 11.05
C VAL B 41 -11.28 4.31 10.09
N GLY B 42 -10.22 4.92 10.61
CA GLY B 42 -9.04 5.22 9.81
C GLY B 42 -9.23 6.25 8.70
N SER B 43 -8.40 6.15 7.68
CA SER B 43 -8.38 7.13 6.61
C SER B 43 -9.69 7.13 5.86
N LEU B 44 -10.37 5.97 5.85
CA LEU B 44 -11.65 5.86 5.14
C LEU B 44 -12.65 6.86 5.71
N ARG B 45 -12.79 6.84 7.03
CA ARG B 45 -13.64 7.75 7.75
C ARG B 45 -13.19 9.21 7.58
N ARG B 46 -11.89 9.43 7.44
CA ARG B 46 -11.36 10.76 7.15
C ARG B 46 -11.58 11.18 5.70
N GLU B 47 -12.10 10.26 4.89
CA GLU B 47 -12.43 10.56 3.51
C GLU B 47 -11.20 11.10 2.83
N GLU B 48 -10.14 10.31 2.94
CA GLU B 48 -8.90 10.61 2.27
C GLU B 48 -8.92 9.97 0.88
N LYS B 49 -8.31 10.63 -0.09
CA LYS B 49 -8.39 10.20 -1.48
C LYS B 49 -7.98 8.74 -1.66
N LEU B 51 -6.22 5.06 0.21
CA LEU B 51 -6.16 4.34 1.48
C LEU B 51 -5.01 3.35 1.44
N ASN B 52 -4.43 3.07 2.61
CA ASN B 52 -3.47 1.96 2.78
C ASN B 52 -4.20 0.70 3.27
N ASP B 53 -4.44 0.61 4.57
CA ASP B 53 -5.25 -0.46 5.13
C ASP B 53 -6.71 0.00 5.09
N VAL B 54 -7.63 -0.95 4.96
CA VAL B 54 -9.05 -0.68 5.22
C VAL B 54 -9.35 -1.06 6.69
N ASP B 55 -9.87 -0.11 7.48
CA ASP B 55 -10.00 -0.29 8.94
C ASP B 55 -11.42 -0.48 9.41
N LEU B 57 -13.70 -1.25 12.86
CA LEU B 57 -13.86 -1.40 14.30
C LEU B 57 -15.20 -2.06 14.61
N ILE B 58 -15.17 -3.01 15.54
CA ILE B 58 -16.32 -3.82 15.89
C ILE B 58 -16.66 -3.64 17.37
N ILE B 59 -17.92 -3.36 17.67
CA ILE B 59 -18.33 -3.12 19.03
C ILE B 59 -18.87 -4.44 19.58
N VAL B 60 -18.25 -4.95 20.64
CA VAL B 60 -18.70 -6.22 21.19
C VAL B 60 -19.43 -5.98 22.52
N PRO B 61 -20.60 -6.61 22.69
CA PRO B 61 -21.47 -6.32 23.84
C PRO B 61 -20.82 -6.53 25.19
N GLU B 62 -20.18 -7.68 25.38
CA GLU B 62 -19.69 -8.10 26.69
C GLU B 62 -18.20 -8.42 26.64
N LYS B 63 -17.57 -8.37 27.81
CA LYS B 63 -16.14 -8.64 27.95
C LYS B 63 -15.78 -10.09 27.62
N LYS B 64 -16.65 -11.00 28.00
CA LYS B 64 -16.41 -12.43 27.83
C LYS B 64 -16.31 -12.86 26.34
N LEU B 65 -16.88 -12.06 25.45
CA LEU B 65 -16.80 -12.35 24.01
C LEU B 65 -15.42 -12.10 23.34
N LEU B 66 -14.62 -11.20 23.90
CA LEU B 66 -13.26 -10.87 23.37
C LEU B 66 -12.37 -12.07 23.04
N LYS B 67 -12.46 -13.12 23.84
CA LYS B 67 -11.80 -14.41 23.58
C LYS B 67 -12.14 -14.98 22.22
N HIS B 68 -13.38 -14.74 21.77
CA HIS B 68 -13.96 -15.49 20.66
C HIS B 68 -14.17 -14.68 19.41
N VAL B 69 -14.21 -13.36 19.50
CA VAL B 69 -14.54 -12.55 18.30
C VAL B 69 -13.48 -12.52 17.21
N LEU B 70 -12.31 -11.89 17.45
CA LEU B 70 -11.27 -11.83 16.39
C LEU B 70 -10.50 -13.17 16.23
N PRO B 71 -10.22 -13.88 17.33
CA PRO B 71 -9.58 -15.19 17.18
C PRO B 71 -10.39 -16.23 16.45
N ASN B 72 -11.68 -16.01 16.29
CA ASN B 72 -12.52 -16.94 15.55
C ASN B 72 -13.29 -16.18 14.50
N ILE B 73 -12.74 -15.08 14.01
CA ILE B 73 -13.50 -14.28 13.08
C ILE B 73 -13.80 -15.10 11.84
N ARG B 74 -14.95 -14.86 11.21
CA ARG B 74 -15.26 -15.49 9.91
C ARG B 74 -15.82 -14.47 8.94
N ILE B 75 -15.44 -14.60 7.67
CA ILE B 75 -15.93 -13.69 6.64
C ILE B 75 -16.55 -14.46 5.48
N LYS B 76 -17.88 -14.55 5.54
CA LYS B 76 -18.72 -15.14 4.50
C LYS B 76 -18.23 -14.79 3.10
N GLY B 77 -17.86 -15.82 2.33
CA GLY B 77 -17.55 -15.67 0.90
C GLY B 77 -16.19 -15.16 0.46
N LEU B 78 -15.37 -14.68 1.39
CA LEU B 78 -14.12 -14.00 1.04
C LEU B 78 -12.88 -14.86 1.30
N SER B 79 -11.97 -14.92 0.34
CA SER B 79 -10.70 -15.59 0.58
C SER B 79 -9.75 -14.67 1.32
N PHE B 80 -9.16 -15.15 2.41
CA PHE B 80 -8.21 -14.33 3.19
C PHE B 80 -7.26 -15.15 4.04
N SER B 81 -6.13 -14.54 4.42
CA SER B 81 -5.17 -15.16 5.30
C SER B 81 -4.95 -14.24 6.50
N VAL B 82 -4.82 -14.84 7.67
CA VAL B 82 -4.59 -14.09 8.89
C VAL B 82 -3.11 -13.77 8.97
N LYS B 83 -2.80 -12.50 9.23
CA LYS B 83 -1.42 -12.06 9.27
C LYS B 83 -1.00 -11.97 10.75
N VAL B 84 -1.49 -10.99 11.50
CA VAL B 84 -1.44 -11.03 12.97
C VAL B 84 -2.88 -11.06 13.51
N CYS B 85 -3.06 -11.54 14.73
CA CYS B 85 -4.42 -11.55 15.33
C CYS B 85 -4.36 -11.79 16.81
N GLY B 86 -5.01 -10.95 17.60
CA GLY B 86 -5.32 -11.25 19.00
C GLY B 86 -6.77 -10.87 19.31
N GLU B 87 -7.04 -10.63 20.58
CA GLU B 87 -8.39 -10.26 21.00
C GLU B 87 -8.77 -8.83 20.62
N ARG B 88 -7.78 -7.98 20.38
CA ARG B 88 -8.05 -6.55 20.14
C ARG B 88 -7.70 -6.04 18.78
N LYS B 89 -6.88 -6.78 18.05
CA LYS B 89 -6.42 -6.33 16.71
C LYS B 89 -6.17 -7.51 15.80
N CYS B 90 -6.78 -7.51 14.63
CA CYS B 90 -6.62 -8.62 13.69
C CYS B 90 -6.37 -8.05 12.31
N VAL B 91 -5.27 -8.47 11.70
CA VAL B 91 -4.88 -8.01 10.35
C VAL B 91 -5.04 -9.14 9.32
N LEU B 92 -5.87 -8.90 8.31
CA LEU B 92 -6.11 -9.90 7.27
C LEU B 92 -5.58 -9.45 5.91
N PHE B 93 -5.19 -10.40 5.05
CA PHE B 93 -4.89 -10.08 3.66
C PHE B 93 -6.02 -10.66 2.84
N ILE B 94 -6.86 -9.79 2.31
CA ILE B 94 -8.09 -10.21 1.64
C ILE B 94 -7.94 -10.25 0.13
N GLU B 95 -8.69 -11.16 -0.48
CA GLU B 95 -8.74 -11.30 -1.91
C GLU B 95 -10.03 -10.62 -2.38
N TRP B 96 -9.87 -9.46 -3.02
CA TRP B 96 -11.00 -8.66 -3.51
C TRP B 96 -10.78 -8.27 -4.97
N GLU B 97 -11.57 -8.87 -5.86
CA GLU B 97 -11.48 -8.62 -7.30
C GLU B 97 -10.05 -8.74 -7.79
N LYS B 98 -9.53 -9.96 -7.76
CA LYS B 98 -8.22 -10.32 -8.30
C LYS B 98 -7.05 -9.42 -7.85
N LYS B 99 -7.17 -8.82 -6.67
CA LYS B 99 -6.10 -8.03 -6.06
C LYS B 99 -6.11 -8.26 -4.55
N THR B 100 -4.95 -8.18 -3.92
CA THR B 100 -4.82 -8.36 -2.46
C THR B 100 -4.72 -7.05 -1.71
N TYR B 101 -5.59 -6.86 -0.72
CA TYR B 101 -5.57 -5.67 0.15
C TYR B 101 -5.45 -6.05 1.63
N GLN B 102 -4.98 -5.10 2.43
CA GLN B 102 -4.86 -5.34 3.87
C GLN B 102 -6.08 -4.82 4.59
N LEU B 103 -6.63 -5.66 5.47
CA LEU B 103 -7.84 -5.25 6.21
C LEU B 103 -7.59 -5.34 7.70
N ASP B 104 -7.73 -4.21 8.38
CA ASP B 104 -7.51 -4.13 9.83
C ASP B 104 -8.83 -4.18 10.60
N LEU B 105 -9.08 -5.27 11.30
CA LEU B 105 -10.15 -5.36 12.28
C LEU B 105 -9.67 -5.00 13.69
N PHE B 106 -10.33 -4.04 14.35
CA PHE B 106 -10.09 -3.78 15.78
C PHE B 106 -11.37 -4.07 16.57
N THR B 107 -11.26 -4.26 17.90
CA THR B 107 -12.45 -4.42 18.79
C THR B 107 -12.50 -3.46 19.98
N ALA B 108 -13.68 -2.88 20.19
CA ALA B 108 -13.98 -2.09 21.39
C ALA B 108 -15.20 -2.66 22.06
N LEU B 109 -15.20 -2.66 23.40
CA LEU B 109 -16.44 -2.89 24.19
C LEU B 109 -17.33 -1.68 24.15
N ALA B 110 -18.60 -1.87 24.50
CA ALA B 110 -19.59 -0.81 24.24
C ALA B 110 -19.33 0.41 25.10
N GLU B 111 -18.80 0.20 26.30
CA GLU B 111 -18.50 1.32 27.21
C GLU B 111 -17.26 2.10 26.75
N GLU B 112 -16.43 1.47 25.92
CA GLU B 112 -15.29 2.12 25.27
C GLU B 112 -15.63 2.82 23.95
N LYS B 113 -16.83 2.61 23.42
CA LYS B 113 -17.10 2.94 21.99
C LYS B 113 -16.70 4.34 21.54
N PRO B 114 -17.00 5.37 22.33
CA PRO B 114 -16.66 6.71 21.85
C PRO B 114 -15.17 6.98 21.89
N TYR B 115 -14.47 6.34 22.82
CA TYR B 115 -13.02 6.49 22.95
C TYR B 115 -12.27 5.81 21.81
N ALA B 116 -12.82 4.69 21.34
CA ALA B 116 -12.18 3.89 20.31
C ALA B 116 -12.33 4.56 18.98
N ILE B 117 -13.55 5.04 18.70
CA ILE B 117 -13.83 5.73 17.45
C ILE B 117 -12.97 6.96 17.36
N PHE B 118 -12.77 7.62 18.48
CA PHE B 118 -11.96 8.82 18.53
C PHE B 118 -10.53 8.47 18.20
N HIS B 119 -10.01 7.42 18.85
CA HIS B 119 -8.64 6.97 18.64
C HIS B 119 -8.46 6.39 17.24
N PHE B 120 -9.26 5.41 16.89
CA PHE B 120 -9.04 4.77 15.60
C PHE B 120 -9.35 5.65 14.38
N THR B 121 -10.03 6.78 14.62
CA THR B 121 -10.34 7.71 13.53
C THR B 121 -9.10 8.49 13.09
N GLY B 122 -8.30 8.94 14.04
CA GLY B 122 -7.04 9.61 13.72
C GLY B 122 -7.28 11.02 13.21
N PRO B 123 -6.35 11.56 12.42
CA PRO B 123 -5.12 10.95 11.98
C PRO B 123 -4.17 11.00 13.18
N VAL B 124 -2.95 10.50 13.04
CA VAL B 124 -2.03 10.34 14.18
C VAL B 124 -1.57 11.67 14.77
N SER B 125 -1.08 12.54 13.91
CA SER B 125 -0.53 13.84 14.32
C SER B 125 -1.52 14.58 15.20
N TYR B 126 -2.78 14.57 14.79
CA TYR B 126 -3.88 15.11 15.62
C TYR B 126 -3.96 14.47 17.01
N LEU B 127 -3.92 13.14 17.10
CA LEU B 127 -4.02 12.42 18.40
C LEU B 127 -2.86 12.76 19.32
N ILE B 128 -1.66 12.77 18.75
CA ILE B 128 -0.45 13.10 19.49
C ILE B 128 -0.62 14.46 20.16
N ARG B 129 -1.08 15.45 19.41
CA ARG B 129 -1.24 16.81 19.94
C ARG B 129 -2.28 16.86 21.04
N ILE B 130 -3.40 16.16 20.85
CA ILE B 130 -4.47 16.13 21.87
C ILE B 130 -3.95 15.47 23.16
N ARG B 131 -3.27 14.35 23.03
CA ARG B 131 -2.86 13.58 24.19
C ARG B 131 -1.64 14.23 24.87
N ALA B 132 -0.77 14.86 24.07
CA ALA B 132 0.30 15.69 24.62
C ALA B 132 -0.25 16.75 25.57
N ALA B 133 -1.31 17.43 25.15
CA ALA B 133 -1.85 18.55 25.92
C ALA B 133 -2.52 18.05 27.19
N LEU B 134 -3.27 16.97 27.07
CA LEU B 134 -3.90 16.31 28.22
C LEU B 134 -2.88 15.76 29.21
N LYS B 135 -1.74 15.28 28.71
CA LYS B 135 -0.74 14.75 29.61
C LYS B 135 -0.21 15.88 30.48
N LYS B 136 0.16 17.01 29.88
CA LYS B 136 0.63 18.17 30.65
C LYS B 136 -0.30 18.49 31.83
N LYS B 137 -1.60 18.31 31.62
CA LYS B 137 -2.61 18.48 32.68
C LYS B 137 -2.84 17.20 33.49
N ASN B 138 -1.89 16.27 33.45
CA ASN B 138 -1.91 15.05 34.28
C ASN B 138 -3.03 14.04 33.93
N TYR B 139 -3.44 14.05 32.68
CA TYR B 139 -4.41 13.06 32.21
C TYR B 139 -3.67 12.07 31.32
N LYS B 140 -4.27 10.89 31.13
CA LYS B 140 -3.83 9.93 30.12
C LYS B 140 -5.06 9.48 29.30
N LEU B 141 -4.98 9.67 27.98
CA LEU B 141 -6.07 9.22 27.08
C LEU B 141 -5.59 8.14 26.12
N ASN B 142 -6.22 6.98 26.20
CA ASN B 142 -6.04 5.90 25.22
C ASN B 142 -7.42 5.54 24.60
N GLN B 143 -7.56 4.36 23.99
CA GLN B 143 -8.78 4.01 23.25
C GLN B 143 -9.83 3.34 24.14
N TYR B 144 -9.54 3.24 25.42
CA TYR B 144 -10.43 2.58 26.34
C TYR B 144 -11.05 3.60 27.28
N GLY B 145 -10.33 4.67 27.59
CA GLY B 145 -10.88 5.68 28.47
C GLY B 145 -9.97 6.85 28.73
N LEU B 146 -10.47 7.76 29.57
CA LEU B 146 -9.65 8.84 30.12
C LEU B 146 -9.24 8.47 31.53
N PHE B 147 -7.97 8.74 31.86
CA PHE B 147 -7.41 8.36 33.16
C PHE B 147 -6.66 9.50 33.81
N LYS B 148 -6.77 9.58 35.14
CA LYS B 148 -5.94 10.45 35.97
C LYS B 148 -5.52 9.69 37.24
N ASN B 149 -4.22 9.73 37.51
CA ASN B 149 -3.60 8.93 38.58
C ASN B 149 -4.04 7.48 38.50
N GLN B 150 -3.93 6.90 37.31
CA GLN B 150 -4.23 5.49 37.09
C GLN B 150 -5.63 5.14 37.57
N THR B 151 -6.59 6.03 37.34
CA THR B 151 -7.99 5.73 37.63
C THR B 151 -8.89 6.29 36.52
N LEU B 152 -9.95 5.56 36.20
CA LEU B 152 -10.85 5.97 35.12
C LEU B 152 -11.59 7.26 35.52
N VAL B 153 -11.67 8.22 34.60
CA VAL B 153 -12.38 9.46 34.87
C VAL B 153 -13.84 9.27 34.43
N PRO B 154 -14.75 9.10 35.39
CA PRO B 154 -16.11 8.64 35.03
C PRO B 154 -16.90 9.63 34.16
N LEU B 155 -16.58 9.72 32.89
CA LEU B 155 -17.28 10.64 32.01
C LEU B 155 -18.63 10.07 31.65
N LYS B 156 -19.67 10.88 31.80
CA LYS B 156 -21.03 10.51 31.49
C LYS B 156 -21.34 11.01 30.08
N ILE B 157 -20.77 10.33 29.09
CA ILE B 157 -20.98 10.62 27.66
C ILE B 157 -21.23 9.34 26.91
N THR B 158 -21.66 9.46 25.66
CA THR B 158 -21.96 8.28 24.83
C THR B 158 -21.29 8.36 23.46
N THR B 159 -21.36 9.53 22.83
CA THR B 159 -20.82 9.70 21.49
C THR B 159 -19.39 10.27 21.51
N GLU B 160 -18.78 10.24 20.34
CA GLU B 160 -17.47 10.82 20.11
C GLU B 160 -17.52 12.34 20.27
N LYS B 161 -18.57 12.95 19.71
CA LYS B 161 -18.68 14.40 19.71
C LYS B 161 -18.67 14.89 21.14
N GLU B 162 -19.58 14.37 21.96
CA GLU B 162 -19.62 14.79 23.35
C GLU B 162 -18.37 14.42 24.13
N LEU B 163 -17.69 13.33 23.74
CA LEU B 163 -16.44 12.98 24.41
C LEU B 163 -15.42 14.08 24.22
N ILE B 164 -15.21 14.44 22.95
CA ILE B 164 -14.22 15.43 22.57
C ILE B 164 -14.53 16.75 23.27
N LYS B 165 -15.78 17.21 23.14
CA LYS B 165 -16.22 18.42 23.87
C LYS B 165 -16.06 18.32 25.40
N GLU B 166 -16.38 17.15 25.97
CA GLU B 166 -16.20 16.97 27.42
C GLU B 166 -14.73 17.11 27.88
N GLY B 168 -12.37 19.15 26.51
CA GLY B 168 -11.98 20.55 26.40
C GLY B 168 -11.58 20.98 25.02
N PHE B 169 -12.01 20.24 24.00
CA PHE B 169 -11.65 20.53 22.61
C PHE B 169 -12.92 20.65 21.76
N THR B 170 -12.90 21.47 20.72
CA THR B 170 -14.02 21.59 19.79
C THR B 170 -14.13 20.39 18.86
N TYR B 171 -15.35 20.07 18.43
CA TYR B 171 -15.55 18.93 17.55
C TYR B 171 -15.21 19.34 16.13
N ARG B 172 -14.54 18.43 15.41
CA ARG B 172 -14.27 18.61 13.98
C ARG B 172 -14.74 17.36 13.28
N ILE B 173 -15.39 17.50 12.12
CA ILE B 173 -15.71 16.32 11.32
C ILE B 173 -14.41 15.59 11.00
N PRO B 174 -14.45 14.25 10.99
CA PRO B 174 -13.25 13.48 10.66
C PRO B 174 -12.43 14.00 9.45
N LYS B 175 -13.09 14.50 8.41
CA LYS B 175 -12.42 15.07 7.23
C LYS B 175 -11.45 16.20 7.56
N LYS B 176 -11.69 16.87 8.68
CA LYS B 176 -11.01 18.12 9.05
C LYS B 176 -10.05 17.97 10.24
N ARG B 177 -9.88 16.77 10.79
CA ARG B 177 -8.95 16.63 11.91
C ARG B 177 -7.55 16.45 11.35
N LEU B 178 -6.61 17.26 11.82
CA LEU B 178 -5.27 17.27 11.23
C LEU B 178 -4.23 17.71 12.25
#